data_3HJU
#
_entry.id   3HJU
#
_cell.length_a   85.860
_cell.length_b   127.230
_cell.length_c   137.140
_cell.angle_alpha   90.00
_cell.angle_beta   90.00
_cell.angle_gamma   90.00
#
_symmetry.space_group_name_H-M   'I 2 2 2'
#
loop_
_entity.id
_entity.type
_entity.pdbx_description
1 polymer 'Monoglyceride lipase'
2 non-polymer GLYCEROL
3 water water
#
_entity_poly.entity_id   1
_entity_poly.type   'polypeptide(L)'
_entity_poly.pdbx_seq_one_letter_code
;MRGSHHHHHHGAGDRGPEFPEESSPRRTPQSIPYQDLPHLVNADGQYLFCRYWKPTGTPKALIFVSHGAGEHSGRYEELA
RMLMGLDLLVFAHDHVGHGQSEGERMVVSDFHVFVRDVLQHVDSMQKDYPGLPVFLLGHSMGGAIAILTAAERPGHFAGM
VLISPLVLANPESATTFKVLAAKVLNLVLPNLSLGPIDSSVLSRNKTEVDIYNSDPLICRAGLKVCFGIQLLNAVSRVER
ALPKLTVPFLLLQGSADRLCDSKGAYLLMELAKSQDKTLKIYEGAYHVLHKELPEVTNSVFHEINMWVSQRTATAGTASP
PLEVDLQGDHGLSAWSHPQFEK
;
_entity_poly.pdbx_strand_id   A,B
#
loop_
_chem_comp.id
_chem_comp.type
_chem_comp.name
_chem_comp.formula
GOL non-polymer GLYCEROL 'C3 H8 O3'
#
# COMPACT_ATOMS: atom_id res chain seq x y z
N PRO A 25 -4.78 -3.95 -46.04
CA PRO A 25 -4.42 -5.10 -45.23
C PRO A 25 -2.95 -5.02 -44.94
N ARG A 26 -2.17 -5.37 -45.96
CA ARG A 26 -0.73 -5.17 -45.94
C ARG A 26 -0.02 -6.30 -45.18
N ARG A 27 1.30 -6.32 -45.29
CA ARG A 27 2.14 -7.33 -44.63
C ARG A 27 2.99 -6.70 -43.54
N THR A 28 3.14 -7.41 -42.44
CA THR A 28 4.14 -7.09 -41.45
C THR A 28 5.53 -7.16 -42.14
N PRO A 29 6.58 -6.55 -41.53
CA PRO A 29 7.98 -6.67 -42.02
C PRO A 29 8.50 -8.10 -42.04
N GLN A 30 7.84 -9.00 -41.31
CA GLN A 30 8.17 -10.42 -41.35
C GLN A 30 7.45 -11.07 -42.52
N SER A 31 6.86 -10.23 -43.39
CA SER A 31 6.35 -10.66 -44.71
C SER A 31 4.88 -11.07 -44.67
N ILE A 32 4.30 -11.03 -43.47
CA ILE A 32 3.02 -11.72 -43.22
C ILE A 32 1.80 -10.77 -43.22
N PRO A 33 0.73 -11.17 -43.92
CA PRO A 33 -0.47 -10.32 -43.97
C PRO A 33 -1.08 -10.13 -42.57
N TYR A 34 -1.46 -8.88 -42.27
CA TYR A 34 -2.06 -8.48 -40.99
C TYR A 34 -3.41 -9.06 -40.68
N GLN A 35 -4.15 -9.38 -41.74
CA GLN A 35 -5.51 -9.98 -41.65
C GLN A 35 -5.47 -11.50 -41.34
N ASP A 36 -4.34 -12.13 -41.67
CA ASP A 36 -4.02 -13.46 -41.22
C ASP A 36 -4.09 -13.61 -39.72
N LEU A 37 -3.69 -12.60 -38.95
CA LEU A 37 -3.69 -12.75 -37.49
C LEU A 37 -4.87 -12.03 -36.86
N PRO A 38 -5.27 -12.48 -35.66
CA PRO A 38 -6.34 -11.77 -34.95
C PRO A 38 -5.94 -10.29 -34.83
N HIS A 39 -6.88 -9.39 -35.03
CA HIS A 39 -6.58 -7.97 -35.16
C HIS A 39 -7.85 -7.17 -35.03
N LEU A 40 -7.69 -5.87 -35.10
CA LEU A 40 -8.73 -4.93 -34.94
C LEU A 40 -8.29 -3.73 -35.78
N VAL A 41 -9.23 -2.94 -36.29
CA VAL A 41 -8.86 -1.81 -37.08
C VAL A 41 -9.23 -0.53 -36.39
N ASN A 42 -8.23 0.29 -36.13
CA ASN A 42 -8.46 1.49 -35.31
C ASN A 42 -9.02 2.64 -36.14
N ALA A 43 -9.35 3.75 -35.46
CA ALA A 43 -10.01 4.87 -36.11
C ALA A 43 -9.18 5.49 -37.22
N ASP A 44 -7.87 5.30 -37.17
CA ASP A 44 -7.04 5.86 -38.21
C ASP A 44 -6.85 4.91 -39.36
N GLY A 45 -7.55 3.79 -39.31
CA GLY A 45 -7.41 2.70 -40.30
C GLY A 45 -6.20 1.77 -40.12
N GLN A 46 -5.54 1.79 -38.95
CA GLN A 46 -4.37 0.91 -38.78
C GLN A 46 -4.74 -0.38 -38.12
N TYR A 47 -4.10 -1.44 -38.55
CA TYR A 47 -4.33 -2.75 -37.95
C TYR A 47 -3.51 -2.90 -36.65
N LEU A 48 -4.21 -3.21 -35.60
CA LEU A 48 -3.60 -3.65 -34.34
C LEU A 48 -3.73 -5.16 -34.18
N PHE A 49 -2.61 -5.78 -33.83
CA PHE A 49 -2.62 -7.17 -33.52
C PHE A 49 -3.25 -7.36 -32.14
N CYS A 50 -4.08 -8.39 -32.01
CA CYS A 50 -4.84 -8.68 -30.79
C CYS A 50 -4.49 -10.05 -30.28
N ARG A 51 -4.65 -10.23 -28.97
CA ARG A 51 -4.38 -11.49 -28.30
C ARG A 51 -5.53 -11.76 -27.36
N TYR A 52 -5.95 -13.01 -27.32
CA TYR A 52 -7.06 -13.48 -26.47
C TYR A 52 -6.65 -14.68 -25.61
N TRP A 53 -7.00 -14.62 -24.32
CA TRP A 53 -6.83 -15.80 -23.48
C TRP A 53 -8.19 -16.15 -22.85
N LYS A 54 -8.88 -17.11 -23.43
CA LYS A 54 -10.28 -17.38 -23.04
C LYS A 54 -10.35 -18.63 -22.21
N PRO A 55 -11.12 -18.58 -21.14
CA PRO A 55 -11.34 -19.74 -20.29
C PRO A 55 -12.40 -20.64 -20.91
N THR A 56 -12.27 -21.96 -20.80
CA THR A 56 -13.32 -22.86 -21.34
C THR A 56 -14.72 -22.43 -20.98
N GLY A 57 -14.91 -22.15 -19.70
CA GLY A 57 -16.23 -21.84 -19.21
C GLY A 57 -16.63 -20.40 -19.43
N THR A 58 -17.75 -20.05 -18.85
CA THR A 58 -18.25 -18.73 -18.98
C THR A 58 -17.38 -17.86 -18.06
N PRO A 59 -16.96 -16.69 -18.55
CA PRO A 59 -16.03 -15.93 -17.77
C PRO A 59 -16.69 -15.10 -16.68
N LYS A 60 -15.99 -14.94 -15.56
CA LYS A 60 -16.48 -14.09 -14.47
C LYS A 60 -16.24 -12.59 -14.76
N ALA A 61 -15.26 -12.27 -15.61
CA ALA A 61 -14.95 -10.86 -15.86
C ALA A 61 -13.97 -10.70 -17.04
N LEU A 62 -13.92 -9.48 -17.57
CA LEU A 62 -12.95 -9.14 -18.62
C LEU A 62 -11.78 -8.35 -18.01
N ILE A 63 -10.59 -8.60 -18.50
CA ILE A 63 -9.46 -7.78 -18.17
C ILE A 63 -8.60 -7.44 -19.41
N PHE A 64 -8.48 -6.15 -19.69
CA PHE A 64 -7.59 -5.69 -20.74
C PHE A 64 -6.15 -5.49 -20.20
N VAL A 65 -5.18 -6.01 -20.93
CA VAL A 65 -3.78 -5.82 -20.55
C VAL A 65 -3.10 -4.81 -21.46
N SER A 66 -2.59 -3.69 -20.91
CA SER A 66 -1.83 -2.76 -21.71
C SER A 66 -0.38 -2.73 -21.42
N HIS A 67 0.38 -2.99 -22.47
CA HIS A 67 1.81 -3.10 -22.34
C HIS A 67 2.54 -1.76 -22.33
N GLY A 68 3.83 -1.83 -21.98
CA GLY A 68 4.67 -0.65 -21.91
C GLY A 68 5.36 -0.26 -23.19
N ALA A 69 6.10 0.82 -23.12
CA ALA A 69 6.78 1.34 -24.30
C ALA A 69 7.79 0.36 -24.80
N GLY A 70 7.92 0.28 -26.12
CA GLY A 70 8.92 -0.63 -26.69
C GLY A 70 8.57 -2.13 -26.63
N GLU A 71 7.59 -2.53 -25.86
CA GLU A 71 7.37 -3.95 -25.73
C GLU A 71 6.07 -4.36 -26.45
N HIS A 72 5.43 -5.46 -26.04
CA HIS A 72 4.21 -5.90 -26.76
C HIS A 72 3.44 -6.87 -25.90
N SER A 73 2.23 -7.26 -26.35
CA SER A 73 1.32 -8.10 -25.55
C SER A 73 1.83 -9.54 -25.33
N GLY A 74 2.71 -10.04 -26.18
CA GLY A 74 3.26 -11.40 -26.05
C GLY A 74 4.05 -11.60 -24.72
N ARG A 75 4.52 -10.50 -24.12
CA ARG A 75 5.29 -10.59 -22.90
C ARG A 75 4.43 -10.81 -21.66
N TYR A 76 3.11 -10.74 -21.82
CA TYR A 76 2.18 -10.94 -20.70
C TYR A 76 1.57 -12.37 -20.68
N GLU A 77 2.20 -13.28 -21.37
CA GLU A 77 1.67 -14.62 -21.51
C GLU A 77 1.45 -15.32 -20.16
N GLU A 78 2.45 -15.31 -19.28
CA GLU A 78 2.27 -16.08 -18.05
C GLU A 78 1.28 -15.40 -17.16
N LEU A 79 1.35 -14.09 -17.08
CA LEU A 79 0.36 -13.40 -16.35
C LEU A 79 -1.06 -13.67 -16.86
N ALA A 80 -1.26 -13.63 -18.16
CA ALA A 80 -2.58 -13.85 -18.74
C ALA A 80 -3.09 -15.28 -18.45
N ARG A 81 -2.18 -16.24 -18.43
CA ARG A 81 -2.59 -17.60 -18.15
C ARG A 81 -3.04 -17.75 -16.72
N MET A 82 -2.39 -17.04 -15.81
CA MET A 82 -2.84 -17.08 -14.45
C MET A 82 -4.20 -16.46 -14.31
N LEU A 83 -4.42 -15.31 -14.97
CA LEU A 83 -5.71 -14.62 -14.82
C LEU A 83 -6.84 -15.51 -15.42
N MET A 84 -6.53 -16.17 -16.53
CA MET A 84 -7.50 -17.04 -17.19
C MET A 84 -7.84 -18.20 -16.29
N GLY A 85 -6.86 -18.67 -15.52
CA GLY A 85 -7.09 -19.72 -14.50
C GLY A 85 -8.04 -19.29 -13.40
N LEU A 86 -8.29 -17.99 -13.31
CA LEU A 86 -9.28 -17.50 -12.37
C LEU A 86 -10.63 -17.34 -13.06
N ASP A 87 -10.70 -17.82 -14.30
CA ASP A 87 -11.90 -17.62 -15.13
C ASP A 87 -12.14 -16.20 -15.61
N LEU A 88 -11.05 -15.44 -15.84
CA LEU A 88 -11.22 -14.16 -16.49
C LEU A 88 -10.92 -14.28 -17.95
N LEU A 89 -11.66 -13.55 -18.75
CA LEU A 89 -11.36 -13.49 -20.16
C LEU A 89 -10.36 -12.33 -20.30
N VAL A 90 -9.11 -12.69 -20.57
CA VAL A 90 -8.01 -11.76 -20.71
C VAL A 90 -7.89 -11.38 -22.16
N PHE A 91 -7.83 -10.07 -22.42
CA PHE A 91 -7.57 -9.65 -23.82
C PHE A 91 -6.57 -8.48 -23.90
N ALA A 92 -5.99 -8.30 -25.09
CA ALA A 92 -4.99 -7.28 -25.30
C ALA A 92 -4.84 -6.96 -26.79
N HIS A 93 -4.24 -5.83 -27.09
CA HIS A 93 -3.64 -5.63 -28.38
C HIS A 93 -2.26 -4.96 -28.23
N ASP A 94 -1.46 -5.04 -29.29
CA ASP A 94 -0.24 -4.33 -29.35
C ASP A 94 -0.58 -2.87 -29.75
N HIS A 95 -0.10 -1.92 -28.97
CA HIS A 95 -0.37 -0.51 -29.22
C HIS A 95 0.22 -0.18 -30.60
N VAL A 96 -0.29 0.86 -31.25
CA VAL A 96 0.19 1.23 -32.57
C VAL A 96 1.69 1.60 -32.44
N GLY A 97 2.47 1.24 -33.43
CA GLY A 97 3.93 1.40 -33.41
C GLY A 97 4.65 0.33 -32.59
N HIS A 98 3.89 -0.69 -32.12
CA HIS A 98 4.49 -1.74 -31.29
C HIS A 98 4.18 -3.16 -31.76
N GLY A 99 5.11 -4.06 -31.42
CA GLY A 99 4.92 -5.52 -31.56
C GLY A 99 4.45 -5.82 -32.97
N GLN A 100 3.30 -6.50 -33.07
CA GLN A 100 2.84 -6.89 -34.43
C GLN A 100 1.78 -5.98 -35.03
N SER A 101 1.49 -4.89 -34.39
CA SER A 101 0.55 -3.91 -34.94
C SER A 101 1.22 -3.03 -35.97
N GLU A 102 0.44 -2.33 -36.76
CA GLU A 102 1.00 -1.33 -37.67
C GLU A 102 1.56 -0.09 -37.06
N GLY A 103 2.23 0.69 -37.88
CA GLY A 103 2.65 2.05 -37.54
C GLY A 103 4.15 2.11 -37.41
N GLU A 104 4.72 3.29 -37.64
CA GLU A 104 6.16 3.49 -37.43
C GLU A 104 6.52 3.16 -35.98
N ARG A 105 7.66 2.54 -35.75
CA ARG A 105 7.98 2.04 -34.46
C ARG A 105 8.10 3.15 -33.41
N MET A 106 7.38 2.98 -32.28
CA MET A 106 7.42 3.97 -31.16
C MET A 106 7.31 5.47 -31.58
N VAL A 107 6.23 5.76 -32.31
CA VAL A 107 5.88 7.06 -32.74
C VAL A 107 4.39 7.09 -32.55
N VAL A 108 3.82 8.24 -32.24
CA VAL A 108 2.34 8.30 -32.26
C VAL A 108 1.90 9.75 -32.47
N SER A 109 0.85 9.99 -33.24
CA SER A 109 0.46 11.35 -33.58
C SER A 109 0.11 12.11 -32.27
N ASP A 110 -0.55 11.45 -31.33
CA ASP A 110 -0.83 12.01 -30.05
C ASP A 110 -1.09 10.86 -29.06
N PHE A 111 -0.61 11.04 -27.84
CA PHE A 111 -0.66 9.97 -26.92
C PHE A 111 -2.08 9.38 -26.81
N HIS A 112 -3.08 10.23 -26.97
CA HIS A 112 -4.47 9.85 -26.75
C HIS A 112 -4.91 8.78 -27.75
N VAL A 113 -4.19 8.64 -28.86
CA VAL A 113 -4.43 7.49 -29.75
C VAL A 113 -4.44 6.15 -29.00
N PHE A 114 -3.52 5.99 -28.04
CA PHE A 114 -3.41 4.71 -27.32
C PHE A 114 -4.69 4.45 -26.52
N VAL A 115 -5.19 5.52 -25.92
CA VAL A 115 -6.31 5.44 -25.03
C VAL A 115 -7.59 5.20 -25.86
N ARG A 116 -7.75 5.94 -26.95
CA ARG A 116 -8.85 5.69 -27.89
C ARG A 116 -8.96 4.21 -28.32
N ASP A 117 -7.82 3.66 -28.68
CA ASP A 117 -7.76 2.31 -29.19
C ASP A 117 -8.07 1.30 -28.07
N VAL A 118 -7.55 1.56 -26.85
CA VAL A 118 -7.96 0.69 -25.75
C VAL A 118 -9.47 0.73 -25.58
N LEU A 119 -10.04 1.93 -25.62
CA LEU A 119 -11.48 2.08 -25.47
C LEU A 119 -12.28 1.36 -26.55
N GLN A 120 -11.80 1.43 -27.79
CA GLN A 120 -12.38 0.72 -28.90
C GLN A 120 -12.47 -0.75 -28.59
N HIS A 121 -11.40 -1.31 -28.13
CA HIS A 121 -11.32 -2.75 -27.96
C HIS A 121 -12.20 -3.17 -26.77
N VAL A 122 -12.14 -2.40 -25.70
CA VAL A 122 -13.01 -2.63 -24.57
C VAL A 122 -14.48 -2.56 -24.97
N ASP A 123 -14.89 -1.53 -25.67
CA ASP A 123 -16.29 -1.44 -26.05
C ASP A 123 -16.67 -2.64 -26.91
N SER A 124 -15.84 -3.11 -27.83
CA SER A 124 -16.22 -4.32 -28.53
C SER A 124 -16.40 -5.49 -27.66
N MET A 125 -15.47 -5.68 -26.76
CA MET A 125 -15.52 -6.85 -25.95
C MET A 125 -16.72 -6.78 -25.04
N GLN A 126 -16.98 -5.61 -24.47
CA GLN A 126 -18.19 -5.48 -23.70
C GLN A 126 -19.50 -5.81 -24.46
N LYS A 127 -19.58 -5.49 -25.75
CA LYS A 127 -20.79 -5.80 -26.56
C LYS A 127 -21.02 -7.31 -26.63
N ASP A 128 -19.95 -8.07 -26.67
CA ASP A 128 -20.09 -9.50 -26.72
C ASP A 128 -20.32 -10.17 -25.38
N TYR A 129 -20.05 -9.45 -24.28
CA TYR A 129 -20.12 -10.00 -22.94
C TYR A 129 -20.81 -8.96 -22.10
N PRO A 130 -22.03 -8.57 -22.52
CA PRO A 130 -22.76 -7.53 -21.80
C PRO A 130 -22.94 -7.90 -20.30
N GLY A 131 -22.87 -6.88 -19.45
CA GLY A 131 -22.90 -7.07 -18.00
C GLY A 131 -21.63 -7.57 -17.29
N LEU A 132 -20.65 -8.12 -18.00
CA LEU A 132 -19.43 -8.53 -17.31
C LEU A 132 -18.64 -7.32 -16.80
N PRO A 133 -18.13 -7.40 -15.59
CA PRO A 133 -17.16 -6.38 -15.10
C PRO A 133 -15.90 -6.36 -15.93
N VAL A 134 -15.32 -5.16 -16.14
CA VAL A 134 -14.06 -5.11 -16.88
C VAL A 134 -12.98 -4.49 -16.04
N PHE A 135 -11.83 -5.15 -16.04
CA PHE A 135 -10.63 -4.68 -15.38
C PHE A 135 -9.59 -4.19 -16.40
N LEU A 136 -8.67 -3.36 -15.91
CA LEU A 136 -7.51 -2.92 -16.69
C LEU A 136 -6.24 -3.30 -15.96
N LEU A 137 -5.24 -3.76 -16.70
CA LEU A 137 -3.95 -4.03 -16.09
C LEU A 137 -2.88 -3.41 -16.94
N GLY A 138 -2.07 -2.55 -16.33
CA GLY A 138 -1.10 -1.87 -17.16
C GLY A 138 0.26 -1.79 -16.51
N HIS A 139 1.28 -1.84 -17.35
CA HIS A 139 2.64 -1.67 -16.88
C HIS A 139 3.35 -0.50 -17.58
N SER A 140 4.00 0.30 -16.75
CA SER A 140 4.88 1.39 -17.24
C SER A 140 4.06 2.41 -18.08
N MET A 141 4.39 2.56 -19.35
CA MET A 141 3.59 3.45 -20.17
C MET A 141 2.13 2.89 -20.23
N GLY A 142 2.01 1.55 -20.17
CA GLY A 142 0.74 0.85 -20.21
C GLY A 142 -0.12 1.21 -19.01
N GLY A 143 0.54 1.48 -17.89
CA GLY A 143 -0.12 1.97 -16.74
C GLY A 143 -0.66 3.37 -16.87
N ALA A 144 0.10 4.27 -17.47
CA ALA A 144 -0.44 5.59 -17.76
C ALA A 144 -1.66 5.50 -18.71
N ILE A 145 -1.60 4.64 -19.71
CA ILE A 145 -2.71 4.46 -20.60
C ILE A 145 -3.95 3.99 -19.83
N ALA A 146 -3.77 3.04 -18.90
CA ALA A 146 -4.91 2.55 -18.09
C ALA A 146 -5.50 3.65 -17.20
N ILE A 147 -4.61 4.44 -16.57
CA ILE A 147 -5.06 5.53 -15.74
C ILE A 147 -5.91 6.50 -16.58
N LEU A 148 -5.41 6.88 -17.74
CA LEU A 148 -6.11 7.79 -18.63
C LEU A 148 -7.40 7.17 -19.15
N THR A 149 -7.37 5.86 -19.42
CA THR A 149 -8.58 5.15 -19.84
C THR A 149 -9.68 5.17 -18.77
N ALA A 150 -9.31 4.85 -17.54
CA ALA A 150 -10.25 4.85 -16.43
C ALA A 150 -10.79 6.26 -16.21
N ALA A 151 -9.92 7.25 -16.32
CA ALA A 151 -10.32 8.61 -16.03
C ALA A 151 -11.31 9.14 -17.02
N GLU A 152 -11.13 8.76 -18.28
CA GLU A 152 -12.06 9.10 -19.32
C GLU A 152 -13.48 8.43 -19.14
N ARG A 153 -13.60 7.33 -18.41
CA ARG A 153 -14.93 6.76 -18.14
C ARG A 153 -15.11 6.42 -16.68
N PRO A 154 -15.26 7.47 -15.87
CA PRO A 154 -15.35 7.25 -14.43
C PRO A 154 -16.57 6.40 -14.07
N GLY A 155 -16.37 5.44 -13.16
CA GLY A 155 -17.37 4.49 -12.71
C GLY A 155 -17.50 3.30 -13.63
N HIS A 156 -16.86 3.37 -14.79
CA HIS A 156 -17.03 2.32 -15.78
C HIS A 156 -16.24 1.04 -15.45
N PHE A 157 -15.00 1.18 -14.97
CA PHE A 157 -14.19 -0.01 -14.71
C PHE A 157 -14.23 -0.49 -13.29
N ALA A 158 -14.17 -1.79 -13.15
CA ALA A 158 -14.31 -2.46 -11.89
C ALA A 158 -13.04 -2.36 -11.06
N GLY A 159 -11.92 -2.14 -11.74
CA GLY A 159 -10.65 -2.06 -11.06
C GLY A 159 -9.45 -1.95 -12.01
N MET A 160 -8.31 -1.49 -11.48
CA MET A 160 -7.15 -1.34 -12.30
C MET A 160 -5.96 -1.92 -11.54
N VAL A 161 -5.13 -2.68 -12.21
CA VAL A 161 -3.94 -3.17 -11.59
C VAL A 161 -2.76 -2.49 -12.33
N LEU A 162 -1.92 -1.80 -11.58
CA LEU A 162 -0.85 -1.08 -12.21
C LEU A 162 0.45 -1.61 -11.73
N ILE A 163 1.30 -1.99 -12.66
CA ILE A 163 2.71 -2.36 -12.31
C ILE A 163 3.72 -1.30 -12.76
N SER A 164 4.41 -0.60 -11.81
CA SER A 164 5.45 0.43 -12.08
C SER A 164 4.90 1.39 -13.16
N PRO A 165 3.70 1.96 -12.95
CA PRO A 165 3.09 2.86 -13.89
C PRO A 165 3.90 4.13 -14.10
N LEU A 166 3.88 4.62 -15.35
CA LEU A 166 4.49 5.88 -15.68
C LEU A 166 3.56 7.01 -15.23
N VAL A 167 3.97 7.81 -14.24
CA VAL A 167 3.14 8.86 -13.72
C VAL A 167 3.93 10.18 -13.51
N LEU A 168 5.26 10.13 -13.51
CA LEU A 168 6.12 11.29 -13.25
C LEU A 168 7.13 11.46 -14.37
N ALA A 169 7.44 12.69 -14.71
CA ALA A 169 8.54 12.94 -15.64
C ALA A 169 9.90 12.75 -14.99
N ASN A 170 10.87 12.26 -15.75
CA ASN A 170 12.25 12.43 -15.32
C ASN A 170 12.53 13.82 -14.72
N PRO A 171 13.40 13.88 -13.69
CA PRO A 171 13.77 15.13 -12.98
C PRO A 171 14.12 16.34 -13.89
N GLU A 172 15.09 16.16 -14.77
CA GLU A 172 15.48 17.30 -15.60
C GLU A 172 14.32 17.68 -16.52
N SER A 173 13.53 16.65 -16.81
CA SER A 173 12.89 16.48 -18.12
C SER A 173 11.82 17.46 -18.56
N ALA A 174 11.15 18.07 -17.60
CA ALA A 174 9.92 18.73 -17.90
C ALA A 174 9.92 20.23 -17.68
N THR A 175 11.09 20.84 -17.50
CA THR A 175 11.16 22.32 -17.39
C THR A 175 10.66 22.99 -18.67
N THR A 176 10.28 24.25 -18.61
CA THR A 176 9.81 24.95 -19.80
C THR A 176 10.94 25.06 -20.82
N PHE A 177 12.16 25.23 -20.35
CA PHE A 177 13.34 25.24 -21.23
C PHE A 177 13.51 23.92 -22.00
N LYS A 178 13.50 22.79 -21.27
CA LYS A 178 13.67 21.48 -21.89
C LYS A 178 12.53 21.16 -22.86
N VAL A 179 11.31 21.46 -22.51
CA VAL A 179 10.21 21.24 -23.42
C VAL A 179 10.33 22.11 -24.68
N LEU A 180 10.73 23.38 -24.52
CA LEU A 180 10.92 24.19 -25.73
C LEU A 180 12.03 23.61 -26.61
N ALA A 181 13.11 23.21 -25.97
CA ALA A 181 14.25 22.65 -26.73
C ALA A 181 13.83 21.37 -27.46
N ALA A 182 13.00 20.50 -26.82
CA ALA A 182 12.53 19.26 -27.45
C ALA A 182 11.59 19.59 -28.61
N LYS A 183 10.74 20.60 -28.47
CA LYS A 183 9.90 20.99 -29.62
C LYS A 183 10.65 21.61 -30.79
N VAL A 184 11.69 22.37 -30.50
CA VAL A 184 12.51 22.94 -31.57
C VAL A 184 13.14 21.80 -32.35
N LEU A 185 13.69 20.84 -31.59
CA LEU A 185 14.36 19.72 -32.15
C LEU A 185 13.39 18.88 -32.99
N ASN A 186 12.19 18.70 -32.47
CA ASN A 186 11.17 17.93 -33.18
C ASN A 186 10.81 18.42 -34.56
N LEU A 187 10.85 19.73 -34.74
CA LEU A 187 10.68 20.40 -36.06
C LEU A 187 11.72 20.04 -37.12
N VAL A 188 12.93 19.77 -36.75
CA VAL A 188 13.89 19.40 -37.77
C VAL A 188 14.26 17.92 -37.72
N LEU A 189 14.39 17.29 -36.53
CA LEU A 189 14.80 15.87 -36.42
C LEU A 189 13.79 15.08 -35.49
N PRO A 190 12.54 14.92 -35.94
CA PRO A 190 11.54 14.29 -35.05
C PRO A 190 11.94 12.86 -34.62
N ASN A 191 12.66 12.14 -35.48
CA ASN A 191 13.13 10.82 -35.13
C ASN A 191 14.52 10.69 -34.57
N LEU A 192 15.16 11.79 -34.20
CA LEU A 192 16.41 11.71 -33.51
C LEU A 192 16.28 10.96 -32.17
N SER A 193 17.09 9.93 -31.95
CA SER A 193 17.05 9.11 -30.74
C SER A 193 17.69 9.78 -29.56
N LEU A 194 16.96 9.92 -28.46
CA LEU A 194 17.53 10.39 -27.21
C LEU A 194 18.52 9.37 -26.56
N GLY A 195 18.86 8.28 -27.23
CA GLY A 195 19.84 7.33 -26.70
C GLY A 195 19.18 6.13 -26.00
N PRO A 196 19.65 4.90 -26.25
CA PRO A 196 18.99 3.74 -25.64
C PRO A 196 19.24 3.61 -24.15
N ILE A 197 18.36 2.92 -23.49
CA ILE A 197 18.53 2.76 -22.08
C ILE A 197 19.41 1.52 -21.80
N ASP A 198 19.91 1.43 -20.59
CA ASP A 198 20.66 0.24 -20.21
C ASP A 198 19.68 -0.78 -19.68
N SER A 199 19.52 -1.87 -20.39
CA SER A 199 18.40 -2.74 -20.08
C SER A 199 18.65 -3.47 -18.76
N SER A 200 19.84 -3.31 -18.18
CA SER A 200 20.10 -3.88 -16.87
C SER A 200 19.32 -3.17 -15.77
N VAL A 201 18.83 -1.95 -15.98
CA VAL A 201 17.90 -1.38 -15.00
C VAL A 201 16.48 -2.02 -15.02
N LEU A 202 16.18 -2.79 -16.05
CA LEU A 202 14.86 -3.37 -16.20
C LEU A 202 14.48 -4.34 -15.10
N SER A 203 15.43 -5.22 -14.75
CA SER A 203 15.17 -6.30 -13.83
C SER A 203 16.50 -6.83 -13.26
N ARG A 204 16.49 -7.27 -12.00
CA ARG A 204 17.68 -7.94 -11.40
C ARG A 204 17.79 -9.38 -11.89
N ASN A 205 16.76 -9.89 -12.53
CA ASN A 205 16.80 -11.24 -13.10
C ASN A 205 17.52 -11.12 -14.44
N LYS A 206 18.77 -11.57 -14.50
CA LYS A 206 19.60 -11.38 -15.69
C LYS A 206 19.05 -12.17 -16.90
N THR A 207 18.38 -13.28 -16.66
CA THR A 207 17.76 -14.01 -17.72
C THR A 207 16.66 -13.24 -18.35
N GLU A 208 15.86 -12.56 -17.55
CA GLU A 208 14.81 -11.76 -18.16
C GLU A 208 15.36 -10.60 -18.92
N VAL A 209 16.44 -9.99 -18.47
CA VAL A 209 17.09 -8.95 -19.31
C VAL A 209 17.55 -9.53 -20.65
N ASP A 210 18.13 -10.73 -20.61
CA ASP A 210 18.63 -11.35 -21.83
C ASP A 210 17.49 -11.66 -22.80
N ILE A 211 16.33 -12.05 -22.28
CA ILE A 211 15.16 -12.33 -23.10
C ILE A 211 14.62 -11.07 -23.73
N TYR A 212 14.51 -10.06 -22.89
CA TYR A 212 14.15 -8.71 -23.37
C TYR A 212 15.08 -8.26 -24.49
N ASN A 213 16.37 -8.48 -24.32
CA ASN A 213 17.35 -8.04 -25.33
C ASN A 213 17.34 -8.83 -26.62
N SER A 214 16.66 -9.95 -26.63
CA SER A 214 16.66 -10.73 -27.86
C SER A 214 15.29 -11.00 -28.44
N ASP A 215 14.27 -10.28 -28.01
CA ASP A 215 12.95 -10.43 -28.59
C ASP A 215 12.89 -9.47 -29.78
N PRO A 216 12.69 -9.98 -30.99
CA PRO A 216 12.65 -9.14 -32.23
C PRO A 216 11.44 -8.21 -32.28
N LEU A 217 10.44 -8.48 -31.47
CA LEU A 217 9.28 -7.62 -31.43
C LEU A 217 9.46 -6.48 -30.44
N ILE A 218 10.58 -6.45 -29.73
CA ILE A 218 10.83 -5.40 -28.77
C ILE A 218 11.62 -4.38 -29.50
N CYS A 219 11.23 -3.11 -29.38
CA CYS A 219 12.03 -2.05 -29.88
C CYS A 219 12.88 -1.39 -28.74
N ARG A 220 14.17 -1.60 -28.80
CA ARG A 220 15.12 -1.25 -27.73
C ARG A 220 15.94 -0.06 -28.21
N ALA A 221 15.69 0.42 -29.43
CA ALA A 221 16.33 1.66 -29.89
C ALA A 221 16.00 2.80 -28.91
N GLY A 222 16.78 3.85 -28.89
CA GLY A 222 16.40 4.88 -27.98
C GLY A 222 15.05 5.48 -28.34
N LEU A 223 14.55 6.23 -27.40
CA LEU A 223 13.33 6.95 -27.53
C LEU A 223 13.50 8.07 -28.56
N LYS A 224 12.57 8.19 -29.49
CA LYS A 224 12.59 9.32 -30.43
C LYS A 224 12.08 10.63 -29.82
N VAL A 225 12.67 11.73 -30.24
CA VAL A 225 12.27 13.02 -29.68
C VAL A 225 10.75 13.20 -29.80
N CYS A 226 10.15 12.85 -30.95
CA CYS A 226 8.65 13.05 -31.09
C CYS A 226 7.89 12.23 -30.08
N PHE A 227 8.35 11.04 -29.76
CA PHE A 227 7.63 10.17 -28.83
C PHE A 227 7.93 10.63 -27.38
N GLY A 228 9.16 11.12 -27.17
CA GLY A 228 9.55 11.77 -25.90
C GLY A 228 8.58 12.88 -25.51
N ILE A 229 8.24 13.74 -26.47
CA ILE A 229 7.20 14.77 -26.26
C ILE A 229 5.80 14.19 -25.94
N GLN A 230 5.37 13.14 -26.65
CA GLN A 230 4.12 12.49 -26.30
C GLN A 230 4.10 11.82 -24.90
N LEU A 231 5.20 11.29 -24.43
CA LEU A 231 5.23 10.76 -23.06
C LEU A 231 5.18 11.89 -22.03
N LEU A 232 5.76 13.03 -22.36
CA LEU A 232 5.60 14.18 -21.48
C LEU A 232 4.12 14.55 -21.49
N ASN A 233 3.49 14.50 -22.64
CA ASN A 233 2.04 14.80 -22.69
C ASN A 233 1.33 13.81 -21.80
N ALA A 234 1.75 12.54 -21.84
CA ALA A 234 1.05 11.52 -21.07
C ALA A 234 1.17 11.82 -19.56
N VAL A 235 2.35 12.20 -19.12
CA VAL A 235 2.58 12.46 -17.72
C VAL A 235 1.74 13.67 -17.25
N SER A 236 1.64 14.67 -18.11
CA SER A 236 0.92 15.86 -17.76
C SER A 236 -0.62 15.60 -17.67
N ARG A 237 -1.20 14.80 -18.58
CA ARG A 237 -2.58 14.36 -18.50
C ARG A 237 -2.84 13.46 -17.30
N VAL A 238 -1.87 12.61 -16.96
CA VAL A 238 -2.03 11.79 -15.79
C VAL A 238 -2.19 12.65 -14.53
N GLU A 239 -1.32 13.64 -14.33
CA GLU A 239 -1.37 14.52 -13.15
C GLU A 239 -2.69 15.23 -13.06
N ARG A 240 -3.24 15.67 -14.17
CA ARG A 240 -4.60 16.19 -14.14
C ARG A 240 -5.71 15.17 -13.97
N ALA A 241 -5.53 13.94 -14.46
CA ALA A 241 -6.59 12.97 -14.25
C ALA A 241 -6.65 12.50 -12.78
N LEU A 242 -5.55 12.57 -12.05
CA LEU A 242 -5.55 11.96 -10.73
C LEU A 242 -6.73 12.38 -9.84
N PRO A 243 -6.98 13.66 -9.73
CA PRO A 243 -8.11 14.16 -8.92
C PRO A 243 -9.45 13.62 -9.32
N LYS A 244 -9.58 13.09 -10.51
CA LYS A 244 -10.86 12.61 -10.86
C LYS A 244 -10.80 11.10 -10.86
N LEU A 245 -9.70 10.50 -10.45
CA LEU A 245 -9.65 9.07 -10.69
C LEU A 245 -10.32 8.34 -9.52
N THR A 246 -11.37 7.61 -9.75
CA THR A 246 -12.04 6.96 -8.62
C THR A 246 -12.04 5.44 -8.65
N VAL A 247 -11.49 4.87 -9.70
CA VAL A 247 -11.52 3.40 -9.89
C VAL A 247 -10.70 2.67 -8.79
N PRO A 248 -11.16 1.50 -8.35
CA PRO A 248 -10.38 0.71 -7.41
C PRO A 248 -9.04 0.30 -8.03
N PHE A 249 -7.95 0.37 -7.28
CA PHE A 249 -6.65 -0.04 -7.85
C PHE A 249 -5.67 -0.66 -6.87
N LEU A 250 -4.92 -1.62 -7.39
CA LEU A 250 -3.77 -2.18 -6.73
C LEU A 250 -2.54 -1.61 -7.51
N LEU A 251 -1.60 -1.09 -6.75
CA LEU A 251 -0.43 -0.47 -7.31
C LEU A 251 0.80 -1.24 -6.79
N LEU A 252 1.65 -1.70 -7.68
CA LEU A 252 2.81 -2.53 -7.31
C LEU A 252 4.04 -1.83 -7.84
N GLN A 253 5.02 -1.63 -6.97
CA GLN A 253 6.14 -0.75 -7.30
C GLN A 253 7.44 -1.23 -6.66
N GLY A 254 8.52 -1.19 -7.44
CA GLY A 254 9.82 -1.56 -6.88
C GLY A 254 10.55 -0.33 -6.36
N SER A 255 11.32 -0.47 -5.26
CA SER A 255 11.88 0.68 -4.60
C SER A 255 13.16 1.13 -5.32
N ALA A 256 13.76 0.24 -6.07
CA ALA A 256 14.98 0.66 -6.77
C ALA A 256 14.71 0.82 -8.28
N ASP A 257 13.53 1.30 -8.64
CA ASP A 257 13.18 1.44 -10.06
C ASP A 257 13.75 2.75 -10.66
N ARG A 258 14.60 2.61 -11.66
CA ARG A 258 15.23 3.74 -12.24
C ARG A 258 14.45 4.34 -13.39
N LEU A 259 13.38 3.67 -13.82
CA LEU A 259 12.59 4.17 -14.94
C LEU A 259 11.36 4.88 -14.44
N CYS A 260 10.71 4.32 -13.44
CA CYS A 260 9.55 4.99 -12.84
C CYS A 260 9.82 5.09 -11.33
N ASP A 261 10.25 6.26 -10.91
CA ASP A 261 10.76 6.43 -9.57
C ASP A 261 9.68 6.13 -8.54
N SER A 262 10.00 5.41 -7.49
CA SER A 262 8.94 5.03 -6.55
C SER A 262 8.19 6.22 -5.98
N LYS A 263 8.82 7.39 -5.91
CA LYS A 263 8.07 8.54 -5.42
C LYS A 263 6.80 8.79 -6.22
N GLY A 264 6.80 8.41 -7.50
CA GLY A 264 5.59 8.51 -8.31
C GLY A 264 4.44 7.61 -7.85
N ALA A 265 4.77 6.42 -7.37
CA ALA A 265 3.74 5.59 -6.75
C ALA A 265 3.11 6.23 -5.49
N TYR A 266 3.89 6.90 -4.66
CA TYR A 266 3.34 7.46 -3.42
C TYR A 266 2.40 8.59 -3.77
N LEU A 267 2.80 9.41 -4.72
CA LEU A 267 1.96 10.49 -5.19
C LEU A 267 0.63 9.99 -5.76
N LEU A 268 0.65 8.86 -6.45
CA LEU A 268 -0.56 8.34 -7.01
C LEU A 268 -1.49 7.90 -5.86
N MET A 269 -0.92 7.30 -4.83
CA MET A 269 -1.69 6.81 -3.73
C MET A 269 -2.31 7.99 -3.06
N GLU A 270 -1.56 9.05 -3.01
CA GLU A 270 -2.02 10.25 -2.32
C GLU A 270 -3.04 11.08 -3.10
N LEU A 271 -2.89 11.20 -4.42
CA LEU A 271 -3.69 12.19 -5.09
C LEU A 271 -4.93 11.57 -5.68
N ALA A 272 -4.94 10.26 -5.89
CA ALA A 272 -6.14 9.60 -6.45
C ALA A 272 -7.27 9.66 -5.47
N LYS A 273 -8.51 9.70 -5.95
CA LYS A 273 -9.64 9.83 -5.04
C LYS A 273 -10.29 8.52 -4.84
N SER A 274 -9.73 7.47 -5.40
CA SER A 274 -10.32 6.17 -5.21
C SER A 274 -10.44 5.82 -3.74
N GLN A 275 -11.59 5.25 -3.39
CA GLN A 275 -11.83 4.70 -2.08
C GLN A 275 -11.16 3.34 -1.87
N ASP A 276 -10.65 2.72 -2.92
CA ASP A 276 -10.18 1.34 -2.77
C ASP A 276 -8.80 1.29 -3.45
N LYS A 277 -7.76 1.61 -2.68
CA LYS A 277 -6.39 1.72 -3.25
C LYS A 277 -5.41 1.10 -2.33
N THR A 278 -4.57 0.24 -2.92
CA THR A 278 -3.61 -0.56 -2.18
C THR A 278 -2.25 -0.41 -2.85
N LEU A 279 -1.18 -0.26 -2.06
CA LEU A 279 0.17 -0.15 -2.60
C LEU A 279 1.04 -1.22 -2.00
N LYS A 280 1.79 -1.88 -2.85
CA LYS A 280 2.79 -2.76 -2.36
C LYS A 280 4.15 -2.39 -2.95
N ILE A 281 5.13 -2.23 -2.08
CA ILE A 281 6.46 -1.89 -2.49
C ILE A 281 7.38 -3.11 -2.37
N TYR A 282 8.18 -3.38 -3.41
CA TYR A 282 9.15 -4.47 -3.38
C TYR A 282 10.56 -3.91 -3.24
N GLU A 283 11.12 -4.20 -2.07
CA GLU A 283 12.32 -3.56 -1.58
C GLU A 283 13.50 -4.03 -2.43
N GLY A 284 14.15 -3.08 -3.11
CA GLY A 284 15.34 -3.35 -3.91
C GLY A 284 15.00 -3.77 -5.34
N ALA A 285 13.72 -3.96 -5.63
CA ALA A 285 13.31 -4.47 -6.98
C ALA A 285 13.36 -3.37 -8.03
N TYR A 286 13.61 -3.79 -9.27
CA TYR A 286 13.73 -2.84 -10.36
C TYR A 286 12.38 -2.57 -11.06
N HIS A 287 12.40 -2.33 -12.36
CA HIS A 287 11.22 -1.88 -13.05
C HIS A 287 10.20 -2.95 -13.40
N VAL A 288 10.65 -4.07 -13.97
CA VAL A 288 9.74 -5.05 -14.52
C VAL A 288 9.40 -6.15 -13.51
N LEU A 289 8.47 -5.80 -12.63
CA LEU A 289 8.19 -6.57 -11.40
C LEU A 289 7.65 -7.96 -11.70
N HIS A 290 6.90 -8.12 -12.80
CA HIS A 290 6.39 -9.46 -13.20
C HIS A 290 7.42 -10.30 -13.93
N LYS A 291 8.64 -9.77 -14.08
CA LYS A 291 9.76 -10.49 -14.65
C LYS A 291 11.06 -10.20 -13.84
N GLU A 292 10.89 -10.20 -12.53
CA GLU A 292 11.98 -9.84 -11.63
C GLU A 292 12.57 -11.12 -11.01
N LEU A 293 13.35 -10.99 -9.94
CA LEU A 293 13.74 -12.26 -9.24
C LEU A 293 12.48 -12.99 -8.87
N PRO A 294 12.55 -14.28 -8.79
CA PRO A 294 11.40 -15.17 -8.62
C PRO A 294 10.62 -14.96 -7.34
N GLU A 295 11.29 -14.59 -6.25
CA GLU A 295 10.61 -14.34 -5.02
C GLU A 295 9.70 -13.14 -5.27
N VAL A 296 10.20 -12.12 -5.98
CA VAL A 296 9.37 -10.95 -6.28
C VAL A 296 8.19 -11.28 -7.27
N THR A 297 8.51 -11.93 -8.38
CA THR A 297 7.57 -12.28 -9.37
C THR A 297 6.48 -13.22 -8.86
N ASN A 298 6.81 -14.25 -8.10
CA ASN A 298 5.79 -15.10 -7.51
C ASN A 298 4.87 -14.34 -6.59
N SER A 299 5.44 -13.45 -5.78
CA SER A 299 4.59 -12.56 -4.97
C SER A 299 3.69 -11.63 -5.81
N VAL A 300 4.24 -11.06 -6.87
CA VAL A 300 3.45 -10.24 -7.78
C VAL A 300 2.24 -10.94 -8.38
N PHE A 301 2.41 -12.17 -8.85
CA PHE A 301 1.31 -12.94 -9.42
C PHE A 301 0.28 -13.30 -8.31
N HIS A 302 0.78 -13.69 -7.15
CA HIS A 302 -0.11 -13.98 -6.06
C HIS A 302 -0.99 -12.78 -5.66
N GLU A 303 -0.36 -11.62 -5.52
CA GLU A 303 -1.08 -10.39 -5.10
C GLU A 303 -2.13 -9.96 -6.10
N ILE A 304 -1.81 -10.08 -7.38
CA ILE A 304 -2.76 -9.75 -8.39
C ILE A 304 -3.92 -10.76 -8.37
N ASN A 305 -3.58 -12.02 -8.21
CA ASN A 305 -4.52 -13.13 -8.06
C ASN A 305 -5.54 -12.85 -6.94
N MET A 306 -5.06 -12.62 -5.71
CA MET A 306 -5.96 -12.27 -4.58
C MET A 306 -6.78 -11.04 -4.84
N TRP A 307 -6.18 -9.97 -5.37
CA TRP A 307 -6.88 -8.70 -5.46
C TRP A 307 -7.99 -8.78 -6.52
N VAL A 308 -7.72 -9.42 -7.65
CA VAL A 308 -8.71 -9.48 -8.71
C VAL A 308 -9.81 -10.46 -8.30
N SER A 309 -9.36 -11.59 -7.83
CA SER A 309 -10.22 -12.57 -7.25
C SER A 309 -11.23 -12.06 -6.12
N GLN A 310 -10.85 -11.10 -5.28
CA GLN A 310 -11.76 -10.61 -4.26
C GLN A 310 -12.78 -9.73 -4.90
N ARG A 311 -12.41 -9.08 -6.01
CA ARG A 311 -13.29 -8.16 -6.69
C ARG A 311 -13.99 -8.83 -7.87
N THR A 312 -13.81 -10.13 -8.00
CA THR A 312 -14.53 -10.89 -9.00
C THR A 312 -15.67 -11.72 -8.39
N ALA A 313 -15.49 -12.13 -7.13
CA ALA A 313 -16.56 -12.74 -6.32
C ALA A 313 -17.73 -11.75 -6.27
N THR A 314 -17.34 -10.47 -6.12
CA THR A 314 -18.20 -9.24 -6.10
C THR A 314 -19.09 -9.01 -7.34
N ALA A 315 -18.55 -9.23 -8.53
CA ALA A 315 -19.38 -9.17 -9.75
C ALA A 315 -20.85 -8.98 -9.34
N SER B 24 -2.80 -3.96 52.31
CA SER B 24 -4.08 -4.11 51.53
C SER B 24 -3.73 -4.66 50.15
N PRO B 25 -4.70 -5.35 49.50
CA PRO B 25 -4.43 -5.97 48.18
C PRO B 25 -4.22 -4.91 47.15
N ARG B 26 -3.31 -5.10 46.21
CA ARG B 26 -3.09 -4.07 45.20
C ARG B 26 -4.35 -4.00 44.31
N ARG B 27 -4.73 -2.77 43.98
CA ARG B 27 -5.96 -2.53 43.26
C ARG B 27 -5.69 -1.70 42.02
N THR B 28 -6.59 -1.81 41.07
CA THR B 28 -6.58 -0.95 39.90
C THR B 28 -6.91 0.50 40.29
N PRO B 29 -6.61 1.46 39.41
CA PRO B 29 -7.00 2.81 39.73
C PRO B 29 -8.51 2.89 39.92
N GLN B 30 -9.28 1.93 39.43
CA GLN B 30 -10.74 1.97 39.60
C GLN B 30 -11.18 1.09 40.78
N SER B 31 -10.22 0.72 41.63
CA SER B 31 -10.46 0.03 42.89
C SER B 31 -10.73 -1.45 42.87
N ILE B 32 -10.56 -2.08 41.72
CA ILE B 32 -10.72 -3.50 41.65
C ILE B 32 -9.42 -4.22 42.06
N PRO B 33 -9.50 -5.17 43.00
CA PRO B 33 -8.24 -5.90 43.30
C PRO B 33 -7.66 -6.72 42.12
N TYR B 34 -6.35 -6.56 41.89
CA TYR B 34 -5.70 -7.32 40.82
C TYR B 34 -5.90 -8.83 40.96
N GLN B 35 -6.13 -9.31 42.17
CA GLN B 35 -6.27 -10.74 42.31
C GLN B 35 -7.57 -11.19 41.70
N ASP B 36 -8.47 -10.27 41.39
CA ASP B 36 -9.73 -10.63 40.69
C ASP B 36 -9.66 -10.56 39.20
N LEU B 37 -8.54 -10.10 38.61
CA LEU B 37 -8.43 -9.91 37.16
C LEU B 37 -7.19 -10.55 36.58
N PRO B 38 -7.17 -10.80 35.28
CA PRO B 38 -5.92 -11.33 34.74
C PRO B 38 -4.91 -10.18 34.83
N HIS B 39 -3.67 -10.47 35.23
CA HIS B 39 -2.67 -9.39 35.26
C HIS B 39 -1.24 -9.89 35.18
N LEU B 40 -0.31 -8.97 35.10
CA LEU B 40 1.06 -9.34 35.24
C LEU B 40 1.77 -8.22 35.99
N VAL B 41 2.99 -8.50 36.45
CA VAL B 41 3.72 -7.47 37.14
C VAL B 41 4.99 -7.20 36.38
N ASN B 42 5.17 -5.96 36.01
CA ASN B 42 6.30 -5.65 35.15
C ASN B 42 7.59 -5.50 35.92
N ALA B 43 8.71 -5.29 35.19
CA ALA B 43 10.05 -5.23 35.82
C ALA B 43 10.19 -4.11 36.80
N ASP B 44 9.36 -3.06 36.71
CA ASP B 44 9.36 -2.05 37.73
C ASP B 44 8.47 -2.39 38.94
N GLY B 45 7.92 -3.58 38.99
CA GLY B 45 6.98 -3.88 40.10
C GLY B 45 5.58 -3.25 39.97
N GLN B 46 5.13 -2.92 38.76
CA GLN B 46 3.81 -2.33 38.54
C GLN B 46 2.90 -3.37 37.94
N TYR B 47 1.65 -3.39 38.41
CA TYR B 47 0.65 -4.34 37.92
C TYR B 47 0.08 -3.82 36.62
N LEU B 48 0.05 -4.67 35.61
CA LEU B 48 -0.64 -4.36 34.34
C LEU B 48 -1.84 -5.31 34.25
N PHE B 49 -2.97 -4.73 33.94
CA PHE B 49 -4.17 -5.47 33.64
C PHE B 49 -3.96 -6.12 32.26
N CYS B 50 -4.38 -7.36 32.13
CA CYS B 50 -4.21 -8.19 30.94
C CYS B 50 -5.57 -8.67 30.40
N ARG B 51 -5.59 -8.97 29.11
CA ARG B 51 -6.83 -9.41 28.49
C ARG B 51 -6.50 -10.53 27.50
N TYR B 52 -7.30 -11.58 27.52
CA TYR B 52 -7.06 -12.75 26.68
C TYR B 52 -8.30 -13.07 25.89
N TRP B 53 -8.09 -13.33 24.57
CA TRP B 53 -9.15 -13.96 23.76
C TRP B 53 -8.65 -15.23 23.12
N LYS B 54 -9.11 -16.35 23.67
CA LYS B 54 -8.57 -17.63 23.31
C LYS B 54 -9.57 -18.48 22.60
N PRO B 55 -9.19 -18.99 21.45
CA PRO B 55 -10.07 -19.81 20.66
C PRO B 55 -10.31 -21.20 21.28
N THR B 56 -11.35 -21.83 20.82
CA THR B 56 -11.62 -23.20 21.27
C THR B 56 -10.61 -24.23 20.91
N GLY B 57 -10.12 -24.26 19.68
CA GLY B 57 -9.18 -25.34 19.34
C GLY B 57 -7.72 -24.87 19.54
N THR B 58 -6.76 -25.70 19.14
CA THR B 58 -5.36 -25.29 19.25
C THR B 58 -5.18 -24.01 18.46
N PRO B 59 -4.50 -23.01 19.03
CA PRO B 59 -4.26 -21.80 18.22
C PRO B 59 -3.24 -22.09 17.12
N LYS B 60 -3.42 -21.46 15.99
CA LYS B 60 -2.43 -21.47 14.93
C LYS B 60 -1.37 -20.45 15.19
N ALA B 61 -1.73 -19.38 15.90
CA ALA B 61 -0.76 -18.29 16.09
C ALA B 61 -1.12 -17.42 17.30
N LEU B 62 -0.14 -16.62 17.73
CA LEU B 62 -0.35 -15.65 18.81
C LEU B 62 -0.38 -14.25 18.19
N ILE B 63 -1.23 -13.36 18.72
CA ILE B 63 -1.13 -11.95 18.34
C ILE B 63 -1.32 -11.01 19.52
N PHE B 64 -0.36 -10.12 19.72
CA PHE B 64 -0.48 -9.13 20.76
C PHE B 64 -1.04 -7.85 20.18
N VAL B 65 -2.01 -7.26 20.86
CA VAL B 65 -2.64 -6.01 20.44
C VAL B 65 -2.18 -4.89 21.39
N SER B 66 -1.61 -3.85 20.80
CA SER B 66 -1.03 -2.74 21.52
C SER B 66 -1.84 -1.46 21.29
N HIS B 67 -2.52 -0.99 22.33
CA HIS B 67 -3.41 0.17 22.20
C HIS B 67 -2.66 1.52 22.12
N GLY B 68 -3.42 2.57 21.75
CA GLY B 68 -2.92 3.92 21.65
C GLY B 68 -2.80 4.72 22.95
N ALA B 69 -2.23 5.93 22.86
CA ALA B 69 -2.16 6.76 24.01
C ALA B 69 -3.57 7.13 24.52
N GLY B 70 -3.75 7.12 25.82
CA GLY B 70 -4.96 7.64 26.37
C GLY B 70 -6.01 6.56 26.42
N GLU B 71 -5.91 5.48 25.59
CA GLU B 71 -7.01 4.47 25.61
C GLU B 71 -6.63 3.21 26.40
N HIS B 72 -7.18 2.06 26.00
CA HIS B 72 -6.97 0.84 26.76
C HIS B 72 -7.34 -0.37 25.93
N SER B 73 -7.04 -1.57 26.43
CA SER B 73 -7.16 -2.80 25.68
C SER B 73 -8.63 -3.23 25.42
N GLY B 74 -9.56 -2.80 26.26
CA GLY B 74 -10.97 -3.18 26.10
C GLY B 74 -11.56 -2.56 24.83
N ARG B 75 -10.90 -1.55 24.26
CA ARG B 75 -11.32 -1.00 22.94
C ARG B 75 -11.07 -1.87 21.68
N TYR B 76 -10.43 -3.03 21.84
CA TYR B 76 -10.08 -3.94 20.76
C TYR B 76 -10.92 -5.19 20.85
N GLU B 77 -12.05 -5.12 21.54
CA GLU B 77 -12.89 -6.31 21.67
C GLU B 77 -13.36 -6.88 20.36
N GLU B 78 -13.91 -6.05 19.51
CA GLU B 78 -14.40 -6.57 18.20
C GLU B 78 -13.26 -7.07 17.29
N LEU B 79 -12.23 -6.24 17.12
CA LEU B 79 -11.07 -6.70 16.38
C LEU B 79 -10.54 -8.04 16.93
N ALA B 80 -10.46 -8.17 18.25
CA ALA B 80 -9.94 -9.37 18.87
C ALA B 80 -10.89 -10.56 18.59
N ARG B 81 -12.19 -10.34 18.54
CA ARG B 81 -13.08 -11.46 18.22
C ARG B 81 -12.93 -11.96 16.80
N MET B 82 -12.78 -11.05 15.86
CA MET B 82 -12.49 -11.44 14.49
C MET B 82 -11.19 -12.29 14.39
N LEU B 83 -10.12 -11.87 15.06
CA LEU B 83 -8.83 -12.61 15.04
C LEU B 83 -8.95 -13.97 15.72
N MET B 84 -9.70 -14.00 16.82
CA MET B 84 -9.96 -15.22 17.57
C MET B 84 -10.69 -16.21 16.69
N GLY B 85 -11.66 -15.72 15.90
CA GLY B 85 -12.27 -16.53 14.85
C GLY B 85 -11.30 -17.15 13.84
N LEU B 86 -10.10 -16.58 13.67
CA LEU B 86 -9.14 -17.14 12.72
C LEU B 86 -8.32 -18.19 13.47
N ASP B 87 -8.77 -18.57 14.66
CA ASP B 87 -7.95 -19.46 15.48
C ASP B 87 -6.63 -18.90 15.92
N LEU B 88 -6.57 -17.59 16.11
CA LEU B 88 -5.46 -16.97 16.84
C LEU B 88 -5.79 -16.74 18.33
N LEU B 89 -4.80 -16.89 19.18
CA LEU B 89 -4.93 -16.57 20.55
C LEU B 89 -4.48 -15.12 20.65
N VAL B 90 -5.43 -14.25 20.95
CA VAL B 90 -5.15 -12.82 21.04
C VAL B 90 -4.93 -12.45 22.52
N PHE B 91 -3.97 -11.57 22.76
CA PHE B 91 -3.72 -11.14 24.12
C PHE B 91 -3.20 -9.72 24.06
N ALA B 92 -3.30 -9.06 25.21
CA ALA B 92 -3.05 -7.66 25.35
C ALA B 92 -2.91 -7.25 26.83
N HIS B 93 -2.35 -6.07 27.06
CA HIS B 93 -2.41 -5.48 28.40
C HIS B 93 -2.60 -3.98 28.27
N ASP B 94 -3.08 -3.36 29.34
CA ASP B 94 -3.14 -1.92 29.35
C ASP B 94 -1.74 -1.42 29.67
N HIS B 95 -1.23 -0.49 28.86
CA HIS B 95 0.15 -0.02 29.08
C HIS B 95 0.20 0.68 30.43
N VAL B 96 1.37 0.79 31.07
CA VAL B 96 1.52 1.51 32.34
C VAL B 96 0.91 2.87 32.15
N GLY B 97 0.15 3.31 33.12
CA GLY B 97 -0.41 4.67 33.08
C GLY B 97 -1.68 4.73 32.30
N HIS B 98 -2.25 3.56 31.97
CA HIS B 98 -3.43 3.47 31.16
C HIS B 98 -4.42 2.44 31.67
N GLY B 99 -5.70 2.72 31.40
CA GLY B 99 -6.74 1.71 31.57
C GLY B 99 -6.74 1.24 33.00
N GLN B 100 -6.78 -0.09 33.17
CA GLN B 100 -6.86 -0.66 34.50
C GLN B 100 -5.46 -0.98 35.08
N SER B 101 -4.40 -0.52 34.43
CA SER B 101 -3.05 -0.81 34.92
C SER B 101 -2.60 0.29 35.87
N GLU B 102 -1.52 0.01 36.58
CA GLU B 102 -0.99 1.01 37.54
C GLU B 102 -0.20 2.10 36.84
N GLY B 103 0.13 3.12 37.62
CA GLY B 103 1.04 4.19 37.23
C GLY B 103 0.35 5.53 37.15
N GLU B 104 1.12 6.59 37.35
CA GLU B 104 0.52 7.91 37.10
C GLU B 104 -0.05 7.93 35.68
N ARG B 105 -1.22 8.49 35.51
CA ARG B 105 -1.87 8.54 34.23
C ARG B 105 -1.09 9.23 33.11
N MET B 106 -1.03 8.52 31.99
CA MET B 106 -0.32 9.01 30.82
C MET B 106 1.03 9.63 31.11
N VAL B 107 1.84 8.89 31.86
CA VAL B 107 3.17 9.28 32.25
C VAL B 107 4.06 8.06 32.11
N VAL B 108 5.31 8.18 31.69
CA VAL B 108 6.13 6.99 31.67
C VAL B 108 7.60 7.45 31.80
N SER B 109 8.38 6.72 32.57
CA SER B 109 9.74 7.15 32.84
C SER B 109 10.57 7.22 31.53
N ASP B 110 10.45 6.22 30.66
CA ASP B 110 11.11 6.22 29.34
C ASP B 110 10.22 5.42 28.41
N PHE B 111 10.13 5.78 27.16
CA PHE B 111 9.24 5.09 26.25
C PHE B 111 9.52 3.59 26.16
N HIS B 112 10.79 3.20 26.32
CA HIS B 112 11.16 1.79 26.22
C HIS B 112 10.45 0.89 27.21
N VAL B 113 9.97 1.46 28.31
CA VAL B 113 9.19 0.70 29.31
C VAL B 113 7.98 0.01 28.60
N PHE B 114 7.34 0.70 27.68
CA PHE B 114 6.23 0.07 26.94
C PHE B 114 6.71 -1.12 26.14
N VAL B 115 7.89 -0.97 25.55
CA VAL B 115 8.40 -2.03 24.71
C VAL B 115 8.83 -3.23 25.58
N ARG B 116 9.58 -2.93 26.61
CA ARG B 116 10.01 -3.94 27.56
C ARG B 116 8.79 -4.75 28.09
N ASP B 117 7.71 -4.05 28.45
CA ASP B 117 6.54 -4.77 28.98
C ASP B 117 5.87 -5.61 27.94
N VAL B 118 5.77 -5.15 26.71
CA VAL B 118 5.23 -6.01 25.68
C VAL B 118 6.07 -7.30 25.49
N LEU B 119 7.38 -7.14 25.39
CA LEU B 119 8.29 -8.29 25.27
C LEU B 119 8.15 -9.26 26.47
N GLN B 120 7.90 -8.74 27.68
CA GLN B 120 7.75 -9.59 28.81
C GLN B 120 6.50 -10.42 28.59
N HIS B 121 5.42 -9.76 28.21
CA HIS B 121 4.16 -10.47 28.02
C HIS B 121 4.26 -11.48 26.85
N VAL B 122 4.92 -11.09 25.77
CA VAL B 122 5.01 -11.97 24.64
C VAL B 122 5.85 -13.21 25.00
N ASP B 123 6.98 -13.01 25.67
CA ASP B 123 7.81 -14.11 26.16
C ASP B 123 7.06 -15.05 27.09
N SER B 124 6.19 -14.52 27.94
CA SER B 124 5.36 -15.40 28.82
C SER B 124 4.41 -16.20 28.00
N MET B 125 3.71 -15.60 27.05
CA MET B 125 2.77 -16.34 26.23
C MET B 125 3.52 -17.38 25.42
N GLN B 126 4.72 -17.05 24.95
CA GLN B 126 5.42 -18.04 24.08
C GLN B 126 5.92 -19.28 24.86
N LYS B 127 6.28 -19.10 26.13
CA LYS B 127 6.54 -20.23 27.02
C LYS B 127 5.31 -21.13 27.07
N ASP B 128 4.16 -20.56 27.29
CA ASP B 128 2.92 -21.37 27.33
C ASP B 128 2.53 -22.02 26.00
N TYR B 129 2.92 -21.41 24.88
CA TYR B 129 2.56 -21.91 23.53
C TYR B 129 3.74 -21.92 22.61
N PRO B 130 4.71 -22.80 22.90
CA PRO B 130 5.90 -22.94 22.08
C PRO B 130 5.61 -23.28 20.63
N GLY B 131 6.54 -22.90 19.75
CA GLY B 131 6.39 -23.24 18.35
C GLY B 131 5.44 -22.40 17.53
N LEU B 132 4.54 -21.64 18.15
CA LEU B 132 3.58 -20.84 17.40
C LEU B 132 4.18 -19.53 16.87
N PRO B 133 3.76 -19.09 15.69
CA PRO B 133 4.22 -17.78 15.23
C PRO B 133 3.53 -16.67 16.02
N VAL B 134 4.20 -15.52 16.19
CA VAL B 134 3.61 -14.41 16.94
C VAL B 134 3.57 -13.12 16.14
N PHE B 135 2.38 -12.55 16.07
CA PHE B 135 2.08 -11.31 15.32
C PHE B 135 1.89 -10.12 16.32
N LEU B 136 2.09 -8.91 15.80
CA LEU B 136 1.78 -7.72 16.58
C LEU B 136 0.75 -6.90 15.86
N LEU B 137 -0.19 -6.35 16.61
CA LEU B 137 -1.10 -5.36 16.04
C LEU B 137 -1.12 -4.10 16.91
N GLY B 138 -0.86 -2.97 16.28
CA GLY B 138 -0.72 -1.73 17.04
C GLY B 138 -1.43 -0.56 16.39
N HIS B 139 -1.99 0.29 17.23
CA HIS B 139 -2.66 1.49 16.78
C HIS B 139 -2.05 2.73 17.39
N SER B 140 -1.76 3.68 16.51
CA SER B 140 -1.31 5.01 16.94
C SER B 140 0.00 4.87 17.73
N MET B 141 0.05 5.34 18.98
CA MET B 141 1.22 5.15 19.84
C MET B 141 1.54 3.65 20.01
N GLY B 142 0.50 2.83 20.05
CA GLY B 142 0.61 1.38 20.03
C GLY B 142 1.36 0.87 18.80
N GLY B 143 1.25 1.57 17.68
CA GLY B 143 1.90 1.18 16.46
C GLY B 143 3.39 1.50 16.61
N ALA B 144 3.75 2.63 17.24
CA ALA B 144 5.17 2.93 17.47
C ALA B 144 5.75 1.85 18.39
N ILE B 145 4.99 1.45 19.43
CA ILE B 145 5.41 0.34 20.32
C ILE B 145 5.63 -0.99 19.57
N ALA B 146 4.72 -1.35 18.68
CA ALA B 146 4.95 -2.54 17.85
C ALA B 146 6.17 -2.46 16.94
N ILE B 147 6.35 -1.32 16.28
CA ILE B 147 7.53 -1.14 15.44
C ILE B 147 8.81 -1.39 16.23
N LEU B 148 8.93 -0.73 17.37
CA LEU B 148 10.12 -0.81 18.20
C LEU B 148 10.28 -2.19 18.85
N THR B 149 9.17 -2.86 19.09
CA THR B 149 9.21 -4.20 19.65
C THR B 149 9.80 -5.14 18.61
N ALA B 150 9.25 -5.11 17.40
CA ALA B 150 9.80 -5.90 16.28
C ALA B 150 11.27 -5.53 15.97
N ALA B 151 11.61 -4.26 16.08
CA ALA B 151 12.97 -3.84 15.72
C ALA B 151 14.01 -4.40 16.70
N GLU B 152 13.67 -4.42 17.99
CA GLU B 152 14.54 -5.01 18.99
C GLU B 152 14.77 -6.52 18.81
N ARG B 153 13.85 -7.23 18.18
CA ARG B 153 14.04 -8.69 17.91
C ARG B 153 13.82 -9.11 16.44
N PRO B 154 14.78 -8.77 15.58
CA PRO B 154 14.71 -9.10 14.15
C PRO B 154 14.51 -10.56 13.93
N GLY B 155 13.58 -10.88 13.05
CA GLY B 155 13.25 -12.25 12.68
C GLY B 155 12.31 -12.93 13.62
N HIS B 156 11.96 -12.28 14.72
CA HIS B 156 11.25 -12.99 15.76
C HIS B 156 9.75 -12.96 15.53
N PHE B 157 9.20 -11.85 15.03
CA PHE B 157 7.76 -11.79 14.77
C PHE B 157 7.39 -12.21 13.33
N ALA B 158 6.29 -12.92 13.20
CA ALA B 158 5.81 -13.34 11.92
C ALA B 158 5.24 -12.17 11.16
N GLY B 159 4.65 -11.16 11.83
CA GLY B 159 4.19 -10.00 11.08
C GLY B 159 3.60 -8.94 11.96
N MET B 160 3.35 -7.78 11.36
CA MET B 160 2.87 -6.65 12.09
C MET B 160 1.69 -5.96 11.32
N VAL B 161 0.61 -5.65 12.02
CA VAL B 161 -0.47 -4.87 11.46
C VAL B 161 -0.52 -3.53 12.17
N LEU B 162 -0.38 -2.47 11.40
CA LEU B 162 -0.36 -1.14 11.91
C LEU B 162 -1.56 -0.33 11.47
N ILE B 163 -2.32 0.23 12.42
CA ILE B 163 -3.40 1.19 12.11
C ILE B 163 -3.04 2.62 12.53
N SER B 164 -2.86 3.49 11.56
CA SER B 164 -2.41 4.85 11.79
C SER B 164 -1.36 4.94 12.89
N PRO B 165 -0.22 4.27 12.71
CA PRO B 165 0.85 4.30 13.66
C PRO B 165 1.45 5.66 13.79
N LEU B 166 1.90 5.94 15.02
CA LEU B 166 2.61 7.16 15.32
C LEU B 166 4.03 6.99 14.79
N VAL B 167 4.33 7.67 13.71
CA VAL B 167 5.63 7.48 13.11
C VAL B 167 6.28 8.81 12.91
N LEU B 168 5.48 9.84 12.77
CA LEU B 168 6.02 11.12 12.37
C LEU B 168 5.68 12.22 13.38
N ALA B 169 6.63 13.05 13.79
CA ALA B 169 6.29 14.14 14.71
C ALA B 169 5.33 15.09 13.98
N ASN B 170 4.28 15.52 14.67
CA ASN B 170 3.28 16.40 14.09
C ASN B 170 3.82 17.80 13.88
N PRO B 171 4.31 18.06 12.67
CA PRO B 171 4.87 19.38 12.33
C PRO B 171 5.11 20.23 13.57
N GLU B 172 5.83 19.68 14.54
CA GLU B 172 6.14 20.39 15.77
C GLU B 172 7.43 21.18 15.63
N SER B 173 7.32 22.50 15.52
CA SER B 173 8.50 23.36 15.35
C SER B 173 9.69 23.07 16.28
N ALA B 174 10.85 23.61 15.93
CA ALA B 174 12.03 23.68 16.82
C ALA B 174 11.79 24.52 18.09
N THR B 175 10.87 25.50 18.01
CA THR B 175 10.48 26.31 19.19
C THR B 175 9.62 25.47 20.15
N THR B 176 8.60 24.81 19.59
CA THR B 176 7.77 23.88 20.37
C THR B 176 8.60 22.78 21.02
N PHE B 177 9.44 22.11 20.25
CA PHE B 177 10.35 21.10 20.80
C PHE B 177 11.21 21.62 21.97
N LYS B 178 11.53 22.92 21.95
CA LYS B 178 12.23 23.57 23.05
C LYS B 178 11.42 23.59 24.36
N VAL B 179 10.16 23.17 24.26
CA VAL B 179 9.39 22.69 25.42
C VAL B 179 10.22 21.68 26.22
N LEU B 180 11.21 21.08 25.56
CA LEU B 180 12.24 20.31 26.23
C LEU B 180 12.67 21.14 27.44
N ALA B 181 12.73 22.46 27.21
CA ALA B 181 12.95 23.43 28.29
C ALA B 181 11.90 23.28 29.40
N ALA B 182 10.63 23.12 28.99
CA ALA B 182 9.56 22.97 29.97
C ALA B 182 9.55 21.59 30.70
N LYS B 183 10.17 20.57 30.12
CA LYS B 183 10.34 19.32 30.85
C LYS B 183 11.02 19.51 32.23
N VAL B 184 12.04 20.38 32.30
CA VAL B 184 12.65 20.87 33.55
C VAL B 184 11.70 21.91 34.17
N LEU B 185 10.68 22.25 33.37
CA LEU B 185 9.50 22.97 33.84
C LEU B 185 8.46 21.98 34.37
N ASN B 186 8.41 20.78 33.77
CA ASN B 186 7.53 19.70 34.22
C ASN B 186 8.20 19.04 35.43
N LEU B 187 9.42 19.46 35.72
CA LEU B 187 10.02 19.29 37.06
C LEU B 187 9.58 20.47 37.92
N VAL B 188 9.45 21.64 37.30
CA VAL B 188 8.90 22.80 37.98
C VAL B 188 7.39 22.64 38.09
N LEU B 189 6.73 22.51 36.94
CA LEU B 189 5.30 22.22 36.88
C LEU B 189 5.12 20.93 36.09
N PRO B 190 5.03 19.81 36.80
CA PRO B 190 5.04 18.50 36.17
C PRO B 190 3.86 18.16 35.30
N ASN B 191 2.72 18.74 35.63
CA ASN B 191 1.49 18.47 34.95
C ASN B 191 1.27 19.39 33.84
N LEU B 192 2.26 20.14 33.52
CA LEU B 192 2.07 21.04 32.43
C LEU B 192 1.58 20.23 31.22
N SER B 193 0.50 20.67 30.61
CA SER B 193 -0.10 19.99 29.46
C SER B 193 -0.11 20.77 28.18
N LEU B 194 0.03 20.04 27.09
CA LEU B 194 -0.14 20.66 25.79
C LEU B 194 -1.61 21.00 25.58
N GLY B 195 -2.53 20.29 26.23
CA GLY B 195 -3.92 20.67 26.07
C GLY B 195 -4.65 19.73 25.14
N PRO B 196 -5.94 19.52 25.38
CA PRO B 196 -6.67 18.36 24.89
C PRO B 196 -6.98 18.47 23.42
N ILE B 197 -7.17 17.31 22.80
CA ILE B 197 -7.53 17.31 21.40
C ILE B 197 -9.05 17.35 21.26
N ASP B 198 -9.52 17.85 20.14
CA ASP B 198 -10.91 17.81 19.83
C ASP B 198 -11.21 16.35 19.47
N SER B 199 -12.15 15.73 20.21
CA SER B 199 -12.42 14.34 19.97
C SER B 199 -13.07 14.07 18.62
N SER B 200 -13.66 15.06 17.96
CA SER B 200 -14.23 14.78 16.62
C SER B 200 -13.15 14.61 15.51
N VAL B 201 -11.88 14.88 15.80
CA VAL B 201 -10.77 14.60 14.88
C VAL B 201 -10.50 13.07 14.80
N LEU B 202 -11.05 12.34 15.77
CA LEU B 202 -10.83 10.89 15.92
C LEU B 202 -11.45 10.03 14.83
N SER B 203 -12.70 10.31 14.50
CA SER B 203 -13.44 9.46 13.63
C SER B 203 -14.61 10.24 13.03
N ARG B 204 -15.00 9.87 11.83
CA ARG B 204 -16.10 10.54 11.22
C ARG B 204 -17.36 10.01 11.83
N ASN B 205 -17.29 8.82 12.39
CA ASN B 205 -18.47 8.19 12.91
C ASN B 205 -18.81 8.76 14.32
N LYS B 206 -19.94 9.48 14.42
CA LYS B 206 -20.26 10.26 15.61
C LYS B 206 -20.58 9.42 16.81
N THR B 207 -21.25 8.31 16.57
CA THR B 207 -21.51 7.35 17.61
C THR B 207 -20.20 6.92 18.32
N GLU B 208 -19.17 6.61 17.53
CA GLU B 208 -17.85 6.19 18.06
C GLU B 208 -17.15 7.34 18.80
N VAL B 209 -17.27 8.57 18.30
CA VAL B 209 -16.85 9.75 19.04
C VAL B 209 -17.55 9.82 20.43
N ASP B 210 -18.85 9.53 20.49
CA ASP B 210 -19.55 9.65 21.75
C ASP B 210 -19.14 8.51 22.71
N ILE B 211 -18.97 7.32 22.14
CA ILE B 211 -18.47 6.17 22.90
C ILE B 211 -17.08 6.46 23.51
N TYR B 212 -16.22 7.08 22.72
CA TYR B 212 -14.93 7.53 23.19
C TYR B 212 -15.02 8.56 24.32
N ASN B 213 -15.93 9.49 24.18
CA ASN B 213 -16.09 10.52 25.17
C ASN B 213 -16.70 10.03 26.44
N SER B 214 -17.38 8.90 26.40
CA SER B 214 -18.04 8.42 27.59
C SER B 214 -17.41 7.17 28.24
N ASP B 215 -16.30 6.65 27.70
CA ASP B 215 -15.61 5.49 28.30
C ASP B 215 -14.78 5.92 29.52
N PRO B 216 -15.09 5.35 30.69
CA PRO B 216 -14.39 5.82 31.89
C PRO B 216 -12.92 5.39 31.97
N LEU B 217 -12.50 4.42 31.17
CA LEU B 217 -11.15 3.91 31.22
C LEU B 217 -10.24 4.69 30.29
N ILE B 218 -10.81 5.58 29.46
CA ILE B 218 -10.04 6.42 28.58
C ILE B 218 -9.60 7.71 29.27
N CYS B 219 -8.34 8.09 29.17
CA CYS B 219 -7.91 9.38 29.71
C CYS B 219 -7.98 10.48 28.66
N ARG B 220 -8.84 11.46 28.89
CA ARG B 220 -9.11 12.46 27.87
C ARG B 220 -8.35 13.70 28.19
N ALA B 221 -7.54 13.65 29.24
CA ALA B 221 -6.76 14.81 29.62
C ALA B 221 -5.74 15.21 28.55
N GLY B 222 -5.36 16.47 28.52
CA GLY B 222 -4.37 16.83 27.52
C GLY B 222 -3.05 16.10 27.75
N LEU B 223 -2.24 16.00 26.69
CA LEU B 223 -0.96 15.34 26.72
C LEU B 223 0.08 16.06 27.58
N LYS B 224 0.58 15.43 28.65
CA LYS B 224 1.58 16.07 29.50
C LYS B 224 2.89 16.27 28.79
N VAL B 225 3.53 17.39 29.06
CA VAL B 225 4.81 17.73 28.44
C VAL B 225 5.80 16.60 28.57
N CYS B 226 5.91 16.02 29.75
CA CYS B 226 6.92 14.97 29.91
C CYS B 226 6.53 13.72 29.02
N PHE B 227 5.24 13.49 28.79
CA PHE B 227 4.84 12.36 27.97
C PHE B 227 5.06 12.70 26.49
N GLY B 228 4.76 13.93 26.12
CA GLY B 228 5.09 14.43 24.80
C GLY B 228 6.55 14.27 24.45
N ILE B 229 7.42 14.51 25.40
CA ILE B 229 8.84 14.27 25.17
C ILE B 229 9.16 12.77 24.93
N GLN B 230 8.51 11.87 25.68
CA GLN B 230 8.61 10.43 25.42
C GLN B 230 8.05 10.05 24.06
N LEU B 231 6.97 10.68 23.64
CA LEU B 231 6.50 10.41 22.28
C LEU B 231 7.45 10.93 21.19
N LEU B 232 8.21 11.98 21.49
CA LEU B 232 9.19 12.48 20.57
C LEU B 232 10.36 11.53 20.57
N ASN B 233 10.71 10.98 21.70
CA ASN B 233 11.70 9.90 21.72
C ASN B 233 11.28 8.68 20.87
N ALA B 234 10.00 8.33 20.94
CA ALA B 234 9.49 7.17 20.18
C ALA B 234 9.67 7.37 18.67
N VAL B 235 9.28 8.54 18.21
CA VAL B 235 9.27 8.88 16.82
C VAL B 235 10.73 8.92 16.30
N SER B 236 11.61 9.47 17.12
CA SER B 236 13.02 9.48 16.76
C SER B 236 13.65 8.05 16.79
N ARG B 237 13.29 7.24 17.77
CA ARG B 237 13.72 5.84 17.77
C ARG B 237 13.12 5.01 16.60
N VAL B 238 11.88 5.26 16.22
CA VAL B 238 11.27 4.55 15.13
C VAL B 238 12.06 4.91 13.85
N GLU B 239 12.37 6.18 13.66
CA GLU B 239 13.15 6.54 12.51
C GLU B 239 14.50 5.81 12.50
N ARG B 240 15.20 5.73 13.63
CA ARG B 240 16.48 5.01 13.62
C ARG B 240 16.32 3.50 13.42
N ALA B 241 15.13 2.97 13.77
CA ALA B 241 14.90 1.53 13.66
C ALA B 241 14.54 1.06 12.24
N LEU B 242 13.99 1.93 11.37
CA LEU B 242 13.44 1.43 10.12
C LEU B 242 14.49 0.76 9.21
N PRO B 243 15.71 1.29 9.18
CA PRO B 243 16.77 0.59 8.49
C PRO B 243 16.85 -0.88 8.90
N LYS B 244 16.47 -1.25 10.11
CA LYS B 244 16.71 -2.66 10.40
C LYS B 244 15.39 -3.41 10.56
N LEU B 245 14.27 -2.76 10.31
CA LEU B 245 13.00 -3.41 10.50
C LEU B 245 12.77 -4.29 9.29
N THR B 246 12.64 -5.59 9.48
CA THR B 246 12.42 -6.40 8.33
C THR B 246 11.15 -7.25 8.43
N VAL B 247 10.39 -7.03 9.49
CA VAL B 247 9.21 -7.81 9.73
C VAL B 247 8.16 -7.47 8.64
N PRO B 248 7.43 -8.46 8.18
CA PRO B 248 6.31 -8.24 7.24
C PRO B 248 5.26 -7.35 7.90
N PHE B 249 4.72 -6.41 7.16
CA PHE B 249 3.68 -5.59 7.74
C PHE B 249 2.64 -5.11 6.80
N LEU B 250 1.49 -4.85 7.42
CA LEU B 250 0.35 -4.25 6.76
C LEU B 250 0.10 -2.93 7.47
N LEU B 251 -0.04 -1.87 6.67
CA LEU B 251 -0.14 -0.53 7.16
C LEU B 251 -1.46 0.10 6.63
N LEU B 252 -2.32 0.42 7.59
CA LEU B 252 -3.62 1.05 7.35
C LEU B 252 -3.63 2.52 7.77
N GLN B 253 -4.00 3.38 6.82
CA GLN B 253 -3.90 4.79 7.10
C GLN B 253 -5.01 5.64 6.44
N GLY B 254 -5.55 6.61 7.19
CA GLY B 254 -6.58 7.50 6.67
C GLY B 254 -5.95 8.74 6.08
N SER B 255 -6.51 9.22 4.97
CA SER B 255 -5.95 10.38 4.31
C SER B 255 -6.24 11.68 5.06
N ALA B 256 -7.27 11.74 5.90
CA ALA B 256 -7.49 13.00 6.61
C ALA B 256 -7.20 12.83 8.09
N ASP B 257 -6.17 12.05 8.44
CA ASP B 257 -5.83 11.90 9.82
C ASP B 257 -5.08 13.12 10.32
N ARG B 258 -5.64 13.84 11.30
CA ARG B 258 -4.94 14.98 11.94
C ARG B 258 -3.99 14.66 13.07
N LEU B 259 -3.97 13.43 13.54
CA LEU B 259 -3.14 13.12 14.69
C LEU B 259 -1.89 12.50 14.17
N CYS B 260 -1.98 11.56 13.24
CA CYS B 260 -0.77 11.00 12.65
C CYS B 260 -0.93 11.25 11.18
N ASP B 261 -0.09 12.13 10.67
CA ASP B 261 -0.18 12.54 9.27
C ASP B 261 0.13 11.39 8.30
N SER B 262 -0.70 11.29 7.26
CA SER B 262 -0.55 10.27 6.28
C SER B 262 0.83 10.25 5.64
N LYS B 263 1.51 11.39 5.63
CA LYS B 263 2.86 11.51 5.13
C LYS B 263 3.76 10.51 5.86
N GLY B 264 3.49 10.35 7.16
CA GLY B 264 4.21 9.39 7.96
C GLY B 264 4.07 7.98 7.43
N ALA B 265 2.90 7.62 6.88
CA ALA B 265 2.68 6.26 6.38
C ALA B 265 3.51 5.96 5.14
N TYR B 266 3.63 6.95 4.26
CA TYR B 266 4.46 6.77 3.04
C TYR B 266 5.94 6.69 3.38
N LEU B 267 6.38 7.45 4.40
CA LEU B 267 7.78 7.37 4.86
C LEU B 267 8.13 5.99 5.40
N LEU B 268 7.18 5.39 6.12
CA LEU B 268 7.35 4.04 6.66
C LEU B 268 7.45 3.03 5.53
N MET B 269 6.60 3.13 4.53
CA MET B 269 6.74 2.26 3.35
C MET B 269 8.09 2.40 2.66
N GLU B 270 8.58 3.62 2.57
CA GLU B 270 9.80 3.84 1.80
C GLU B 270 11.02 3.43 2.61
N LEU B 271 11.04 3.71 3.90
CA LEU B 271 12.30 3.47 4.65
C LEU B 271 12.41 2.13 5.35
N ALA B 272 11.31 1.42 5.54
CA ALA B 272 11.41 0.08 6.10
C ALA B 272 12.11 -0.84 5.15
N LYS B 273 12.92 -1.76 5.66
CA LYS B 273 13.54 -2.75 4.78
C LYS B 273 12.71 -3.97 4.56
N SER B 274 11.58 -4.09 5.25
CA SER B 274 10.77 -5.24 5.02
C SER B 274 10.58 -5.53 3.54
N GLN B 275 10.72 -6.79 3.24
CA GLN B 275 10.48 -7.42 1.98
C GLN B 275 8.94 -7.59 1.76
N ASP B 276 8.13 -7.53 2.78
CA ASP B 276 6.71 -7.84 2.58
C ASP B 276 5.92 -6.70 3.23
N LYS B 277 5.57 -5.68 2.45
CA LYS B 277 4.93 -4.52 3.03
C LYS B 277 3.82 -3.97 2.20
N THR B 278 2.73 -3.64 2.86
CA THR B 278 1.50 -3.31 2.11
C THR B 278 0.88 -2.11 2.76
N LEU B 279 0.48 -1.15 1.94
CA LEU B 279 -0.16 0.04 2.45
C LEU B 279 -1.54 0.20 1.87
N LYS B 280 -2.46 0.54 2.73
CA LYS B 280 -3.78 0.78 2.29
C LYS B 280 -4.22 2.14 2.79
N ILE B 281 -4.58 3.04 1.87
CA ILE B 281 -4.99 4.42 2.25
C ILE B 281 -6.52 4.56 2.20
N TYR B 282 -7.12 5.07 3.26
CA TYR B 282 -8.59 5.20 3.28
C TYR B 282 -8.92 6.68 3.07
N GLU B 283 -9.49 6.97 1.91
CA GLU B 283 -9.63 8.34 1.45
C GLU B 283 -10.67 9.12 2.30
N GLY B 284 -10.26 10.28 2.84
CA GLY B 284 -11.14 11.08 3.73
C GLY B 284 -11.30 10.56 5.17
N ALA B 285 -10.79 9.36 5.47
CA ALA B 285 -10.94 8.79 6.82
C ALA B 285 -10.03 9.47 7.84
N TYR B 286 -10.51 9.56 9.07
CA TYR B 286 -9.73 10.10 10.18
C TYR B 286 -8.78 9.09 10.84
N HIS B 287 -8.51 9.24 12.14
CA HIS B 287 -7.47 8.49 12.81
C HIS B 287 -7.84 7.04 13.17
N VAL B 288 -9.00 6.87 13.81
CA VAL B 288 -9.36 5.57 14.35
C VAL B 288 -10.12 4.73 13.35
N LEU B 289 -9.36 4.14 12.41
CA LEU B 289 -9.95 3.40 11.29
C LEU B 289 -10.79 2.21 11.69
N HIS B 290 -10.41 1.51 12.76
CA HIS B 290 -11.20 0.38 13.22
C HIS B 290 -12.53 0.85 13.91
N LYS B 291 -12.70 2.15 14.10
CA LYS B 291 -13.94 2.71 14.63
C LYS B 291 -14.38 3.89 13.75
N GLU B 292 -14.28 3.73 12.43
CA GLU B 292 -14.63 4.82 11.57
C GLU B 292 -16.03 4.53 10.99
N LEU B 293 -16.37 5.20 9.88
CA LEU B 293 -17.67 4.98 9.25
C LEU B 293 -17.75 3.53 8.83
N PRO B 294 -18.95 2.95 8.89
CA PRO B 294 -19.10 1.48 8.75
C PRO B 294 -18.47 0.89 7.48
N GLU B 295 -18.55 1.56 6.34
CA GLU B 295 -17.89 1.03 5.18
C GLU B 295 -16.33 1.02 5.31
N VAL B 296 -15.73 1.99 6.00
CA VAL B 296 -14.28 1.98 6.24
C VAL B 296 -13.91 0.86 7.26
N THR B 297 -14.59 0.84 8.38
CA THR B 297 -14.40 -0.18 9.39
C THR B 297 -14.61 -1.56 8.90
N ASN B 298 -15.60 -1.82 8.04
CA ASN B 298 -15.73 -3.19 7.50
C ASN B 298 -14.56 -3.62 6.61
N SER B 299 -14.13 -2.72 5.76
CA SER B 299 -12.95 -2.99 4.92
C SER B 299 -11.70 -3.18 5.77
N VAL B 300 -11.51 -2.39 6.84
CA VAL B 300 -10.36 -2.60 7.81
C VAL B 300 -10.37 -4.00 8.41
N PHE B 301 -11.49 -4.42 8.95
CA PHE B 301 -11.56 -5.76 9.51
C PHE B 301 -11.23 -6.81 8.43
N HIS B 302 -11.79 -6.65 7.23
CA HIS B 302 -11.61 -7.67 6.20
C HIS B 302 -10.15 -7.71 5.72
N GLU B 303 -9.54 -6.56 5.53
CA GLU B 303 -8.15 -6.53 5.13
C GLU B 303 -7.21 -7.14 6.18
N ILE B 304 -7.47 -6.91 7.47
CA ILE B 304 -6.64 -7.55 8.48
C ILE B 304 -6.86 -9.04 8.48
N ASN B 305 -8.12 -9.43 8.33
CA ASN B 305 -8.51 -10.81 8.28
C ASN B 305 -7.75 -11.56 7.22
N MET B 306 -7.80 -11.09 5.96
CA MET B 306 -7.07 -11.75 4.85
C MET B 306 -5.55 -11.75 5.04
N TRP B 307 -4.98 -10.62 5.48
CA TRP B 307 -3.54 -10.51 5.57
C TRP B 307 -2.98 -11.49 6.57
N VAL B 308 -3.59 -11.54 7.76
CA VAL B 308 -3.09 -12.43 8.79
C VAL B 308 -3.33 -13.91 8.44
N SER B 309 -4.49 -14.14 7.89
CA SER B 309 -4.93 -15.41 7.44
C SER B 309 -3.92 -15.98 6.40
N GLN B 310 -3.48 -15.19 5.45
CA GLN B 310 -2.54 -15.73 4.48
C GLN B 310 -1.19 -16.01 5.07
N ARG B 311 -0.88 -15.40 6.21
CA ARG B 311 0.46 -15.52 6.81
C ARG B 311 0.41 -16.50 8.02
N THR B 312 -0.75 -17.07 8.21
CA THR B 312 -1.06 -18.03 9.24
C THR B 312 -1.45 -19.36 8.57
N ALA B 313 -1.44 -19.38 7.24
CA ALA B 313 -1.36 -20.64 6.49
C ALA B 313 0.14 -20.87 6.30
N THR B 314 0.86 -19.83 5.82
CA THR B 314 2.28 -19.93 5.51
C THR B 314 2.83 -21.33 5.86
C1 GOL C . 10.12 -1.39 -20.43
O1 GOL C . 10.58 -1.17 -21.73
C2 GOL C . 9.17 -2.53 -20.56
O2 GOL C . 7.93 -1.95 -20.70
C3 GOL C . 9.21 -3.44 -19.38
O3 GOL C . 9.12 -4.78 -19.86
C1 GOL D . -7.56 6.64 19.72
O1 GOL D . -7.97 5.46 19.07
C2 GOL D . -6.05 6.86 19.70
O2 GOL D . -5.48 6.10 20.77
C3 GOL D . -5.80 8.32 19.97
O3 GOL D . -6.70 8.61 21.03
#